data_3MDS
#
_entry.id   3MDS
#
_cell.length_a   146.600
_cell.length_b   146.600
_cell.length_c   55.600
_cell.angle_alpha   90.00
_cell.angle_beta   90.00
_cell.angle_gamma   90.00
#
_symmetry.space_group_name_H-M   'P 41 21 2'
#
loop_
_entity.id
_entity.type
_entity.pdbx_description
1 polymer 'MANGANESE SUPEROXIDE DISMUTASE'
2 non-polymer 'MANGANESE (III) ION'
3 water water
#
_entity_poly.entity_id   1
_entity_poly.type   'polypeptide(L)'
_entity_poly.pdbx_seq_one_letter_code
;PYPFKLPDLGYPYEALEPHIDAKTMEIHHQKHHGAYVTNLNAALEKYPYLHGVEVEVLLRHLAALPQDIQTAVRNNGGGH
LNHSLFWRLLTPGGAKEPVGELKKAIDEQFGGFQALKEKLTQAAMGRFGSGWAWLVKDPFGKLHVLSTPNQDNPVMEGFT
PIVGIDVWEHAYYLKYQNRRADYLQAIWNVLNWDVAEEFFKKA
;
_entity_poly.pdbx_strand_id   A,B
#
# COMPACT_ATOMS: atom_id res chain seq x y z
N PRO A 1 7.83 2.02 26.74
CA PRO A 1 6.38 1.85 26.88
C PRO A 1 5.72 3.22 26.82
N TYR A 2 4.43 3.24 27.06
CA TYR A 2 3.66 4.46 27.00
C TYR A 2 4.15 5.58 27.93
N PRO A 3 4.21 6.84 27.48
CA PRO A 3 3.92 7.36 26.14
C PRO A 3 5.12 7.08 25.25
N PHE A 4 4.83 6.58 24.05
CA PHE A 4 5.88 6.26 23.10
C PHE A 4 6.35 7.56 22.48
N LYS A 5 7.59 7.52 22.09
CA LYS A 5 8.24 8.69 21.53
C LYS A 5 8.82 8.45 20.13
N LEU A 6 8.83 9.46 19.27
CA LEU A 6 9.47 9.34 17.96
C LEU A 6 11.01 9.27 18.23
N PRO A 7 11.69 8.20 17.81
CA PRO A 7 13.14 8.16 18.07
C PRO A 7 13.91 9.17 17.21
N ASP A 8 15.07 9.61 17.70
CA ASP A 8 15.88 10.48 16.84
C ASP A 8 16.23 9.69 15.58
N LEU A 9 16.25 10.36 14.44
CA LEU A 9 16.69 9.73 13.20
C LEU A 9 18.17 9.35 13.44
N GLY A 10 18.97 10.30 13.91
CA GLY A 10 20.35 10.00 14.26
C GLY A 10 21.45 10.53 13.38
N TYR A 11 21.07 11.05 12.21
CA TYR A 11 22.03 11.55 11.26
C TYR A 11 21.29 12.54 10.40
N PRO A 12 22.03 13.39 9.64
CA PRO A 12 21.36 14.37 8.78
C PRO A 12 20.46 13.74 7.70
N TYR A 13 19.35 14.41 7.39
CA TYR A 13 18.41 13.90 6.38
C TYR A 13 19.09 13.61 5.06
N GLU A 14 20.16 14.35 4.74
CA GLU A 14 20.92 14.15 3.50
C GLU A 14 22.04 13.17 3.60
N ALA A 15 22.16 12.45 4.71
CA ALA A 15 23.26 11.55 4.83
C ALA A 15 23.26 10.40 3.85
N LEU A 16 22.08 10.06 3.35
CA LEU A 16 22.01 8.91 2.48
C LEU A 16 21.95 9.25 0.98
N GLU A 17 22.15 10.51 0.64
CA GLU A 17 22.19 10.89 -0.78
C GLU A 17 23.39 10.22 -1.48
N PRO A 18 23.25 9.86 -2.79
CA PRO A 18 22.14 10.00 -3.74
C PRO A 18 21.18 8.79 -3.78
N HIS A 19 21.41 7.83 -2.91
CA HIS A 19 20.59 6.63 -2.77
C HIS A 19 19.12 6.89 -2.31
N ILE A 20 18.92 7.68 -1.26
CA ILE A 20 17.58 8.03 -0.78
C ILE A 20 17.66 9.54 -0.65
N ASP A 21 16.68 10.26 -1.18
CA ASP A 21 16.68 11.71 -1.17
C ASP A 21 16.39 12.23 0.23
N ALA A 22 16.84 13.46 0.49
CA ALA A 22 16.69 14.11 1.77
C ALA A 22 15.26 14.43 2.08
N LYS A 23 14.49 14.83 1.07
CA LYS A 23 13.09 15.19 1.31
C LYS A 23 12.29 13.97 1.84
N THR A 24 12.54 12.80 1.28
CA THR A 24 11.89 11.56 1.71
C THR A 24 12.29 11.22 3.12
N MET A 25 13.59 11.33 3.45
CA MET A 25 14.03 11.02 4.80
C MET A 25 13.30 11.88 5.82
N GLU A 26 13.15 13.18 5.51
CA GLU A 26 12.48 14.07 6.42
C GLU A 26 11.01 13.76 6.59
N ILE A 27 10.28 13.66 5.49
CA ILE A 27 8.87 13.34 5.56
C ILE A 27 8.63 11.92 6.14
N HIS A 28 9.42 10.94 5.74
CA HIS A 28 9.27 9.56 6.23
C HIS A 28 9.39 9.49 7.78
N HIS A 29 10.39 10.20 8.29
CA HIS A 29 10.66 10.27 9.71
C HIS A 29 9.68 11.17 10.47
N GLN A 30 9.59 12.44 10.11
CA GLN A 30 8.73 13.38 10.81
C GLN A 30 7.22 13.17 10.65
N LYS A 31 6.78 12.92 9.42
CA LYS A 31 5.36 12.81 9.14
C LYS A 31 4.79 11.43 9.25
N HIS A 32 5.39 10.44 8.59
CA HIS A 32 4.89 9.07 8.61
C HIS A 32 5.12 8.41 9.97
N HIS A 33 6.38 8.29 10.34
CA HIS A 33 6.69 7.72 11.64
C HIS A 33 6.08 8.56 12.77
N GLY A 34 6.14 9.91 12.70
CA GLY A 34 5.53 10.78 13.69
C GLY A 34 4.05 10.52 13.89
N ALA A 35 3.33 10.25 12.80
CA ALA A 35 1.91 9.94 12.86
C ALA A 35 1.64 8.57 13.52
N TYR A 36 2.44 7.56 13.23
CA TYR A 36 2.24 6.25 13.87
C TYR A 36 2.39 6.35 15.40
N VAL A 37 3.40 7.11 15.87
CA VAL A 37 3.61 7.32 17.32
C VAL A 37 2.41 8.03 17.96
N THR A 38 1.93 9.10 17.37
CA THR A 38 0.77 9.82 17.86
C THR A 38 -0.46 8.94 18.00
N ASN A 39 -0.75 8.23 16.93
CA ASN A 39 -1.90 7.31 16.86
C ASN A 39 -1.77 6.13 17.84
N LEU A 40 -0.58 5.58 18.01
CA LEU A 40 -0.37 4.52 18.98
C LEU A 40 -0.68 5.03 20.38
N ASN A 41 -0.19 6.22 20.72
CA ASN A 41 -0.42 6.82 22.05
C ASN A 41 -1.86 7.13 22.25
N ALA A 42 -2.51 7.63 21.22
CA ALA A 42 -3.92 7.91 21.31
C ALA A 42 -4.72 6.61 21.60
N ALA A 43 -4.36 5.49 21.01
CA ALA A 43 -5.06 4.23 21.26
C ALA A 43 -4.89 3.72 22.69
N LEU A 44 -3.64 3.72 23.16
CA LEU A 44 -3.30 3.23 24.48
C LEU A 44 -3.70 4.15 25.62
N GLU A 45 -3.85 5.44 25.39
CA GLU A 45 -4.21 6.41 26.43
C GLU A 45 -5.41 5.95 27.31
N LYS A 46 -6.43 5.35 26.71
CA LYS A 46 -7.62 4.96 27.50
C LYS A 46 -7.55 3.68 28.32
N TYR A 47 -6.40 2.99 28.29
CA TYR A 47 -6.17 1.73 28.96
C TYR A 47 -4.88 1.73 29.75
N PRO A 48 -4.90 2.31 30.95
CA PRO A 48 -3.74 2.39 31.84
C PRO A 48 -3.10 1.07 32.18
N TYR A 49 -3.86 -0.04 32.20
CA TYR A 49 -3.26 -1.34 32.54
C TYR A 49 -2.25 -1.81 31.49
N LEU A 50 -2.28 -1.20 30.29
CA LEU A 50 -1.31 -1.53 29.22
C LEU A 50 -0.15 -0.53 29.18
N HIS A 51 -0.11 0.44 30.11
CA HIS A 51 0.94 1.46 30.10
C HIS A 51 2.37 1.09 30.36
N GLY A 52 2.66 -0.06 30.89
CA GLY A 52 4.07 -0.37 31.13
C GLY A 52 4.60 -1.49 30.25
N VAL A 53 3.87 -1.78 29.17
CA VAL A 53 4.20 -2.85 28.21
C VAL A 53 4.97 -2.27 26.99
N GLU A 54 6.05 -2.94 26.62
CA GLU A 54 6.84 -2.58 25.44
C GLU A 54 6.02 -2.91 24.17
N VAL A 55 6.28 -2.20 23.10
CA VAL A 55 5.48 -2.38 21.89
C VAL A 55 5.59 -3.80 21.35
N GLU A 56 6.76 -4.44 21.51
CA GLU A 56 6.94 -5.81 21.01
C GLU A 56 5.96 -6.76 21.66
N VAL A 57 5.76 -6.58 22.94
CA VAL A 57 4.84 -7.42 23.70
C VAL A 57 3.36 -7.20 23.30
N LEU A 58 2.97 -5.95 23.09
CA LEU A 58 1.61 -5.65 22.64
C LEU A 58 1.36 -6.35 21.32
N LEU A 59 2.34 -6.34 20.44
CA LEU A 59 2.21 -6.94 19.11
C LEU A 59 2.15 -8.45 19.18
N ARG A 60 2.86 -9.06 20.13
CA ARG A 60 2.80 -10.53 20.28
C ARG A 60 1.47 -10.99 20.91
N HIS A 61 0.72 -10.04 21.47
CA HIS A 61 -0.49 -10.37 22.14
C HIS A 61 -1.65 -9.52 21.65
N LEU A 62 -1.69 -9.25 20.34
CA LEU A 62 -2.78 -8.46 19.77
C LEU A 62 -4.16 -8.96 20.15
N ALA A 63 -4.35 -10.28 20.09
CA ALA A 63 -5.66 -10.92 20.36
C ALA A 63 -6.23 -10.64 21.80
N ALA A 64 -5.33 -10.30 22.73
CA ALA A 64 -5.69 -9.99 24.12
C ALA A 64 -6.07 -8.54 24.37
N LEU A 65 -5.75 -7.61 23.46
CA LEU A 65 -6.02 -6.19 23.63
C LEU A 65 -7.51 -5.89 23.42
N PRO A 66 -8.00 -4.81 24.06
CA PRO A 66 -9.40 -4.47 23.90
C PRO A 66 -9.68 -4.39 22.44
N GLN A 67 -10.81 -4.93 22.07
CA GLN A 67 -11.20 -5.03 20.69
C GLN A 67 -11.19 -3.71 19.94
N ASP A 68 -11.54 -2.61 20.62
CA ASP A 68 -11.60 -1.30 19.97
C ASP A 68 -10.24 -0.67 19.66
N ILE A 69 -9.17 -1.27 20.12
CA ILE A 69 -7.87 -0.75 19.80
C ILE A 69 -6.96 -1.81 19.13
N GLN A 70 -7.44 -3.01 18.83
CA GLN A 70 -6.51 -3.98 18.23
C GLN A 70 -5.95 -3.54 16.89
N THR A 71 -6.81 -3.08 16.00
CA THR A 71 -6.29 -2.65 14.70
C THR A 71 -5.34 -1.44 14.80
N ALA A 72 -5.68 -0.46 15.62
CA ALA A 72 -4.88 0.72 15.83
C ALA A 72 -3.51 0.38 16.37
N VAL A 73 -3.44 -0.59 17.29
CA VAL A 73 -2.13 -0.99 17.82
C VAL A 73 -1.35 -1.78 16.76
N ARG A 74 -2.00 -2.72 16.07
CA ARG A 74 -1.36 -3.48 15.01
C ARG A 74 -0.71 -2.53 13.96
N ASN A 75 -1.51 -1.58 13.45
CA ASN A 75 -1.06 -0.69 12.38
C ASN A 75 -0.04 0.33 12.84
N ASN A 76 -0.35 0.97 13.93
CA ASN A 76 0.50 2.05 14.43
C ASN A 76 1.65 1.54 15.28
N GLY A 77 1.42 0.49 16.07
CA GLY A 77 2.49 -0.07 16.88
C GLY A 77 3.43 -0.74 15.92
N GLY A 78 2.90 -1.42 14.88
CA GLY A 78 3.75 -2.04 13.87
C GLY A 78 4.47 -0.93 13.10
N GLY A 79 3.79 0.14 12.76
CA GLY A 79 4.45 1.24 12.04
C GLY A 79 5.63 1.84 12.86
N HIS A 80 5.44 1.99 14.17
CA HIS A 80 6.48 2.51 15.07
C HIS A 80 7.67 1.55 15.18
N LEU A 81 7.42 0.28 15.40
CA LEU A 81 8.52 -0.64 15.53
C LEU A 81 9.30 -0.79 14.22
N ASN A 82 8.59 -0.90 13.11
CA ASN A 82 9.21 -1.10 11.79
C ASN A 82 10.13 0.06 11.42
N HIS A 83 9.62 1.27 11.57
CA HIS A 83 10.44 2.40 11.19
C HIS A 83 11.57 2.61 12.18
N SER A 84 11.36 2.36 13.48
CA SER A 84 12.43 2.49 14.48
C SER A 84 13.61 1.61 14.06
N LEU A 85 13.36 0.36 13.64
CA LEU A 85 14.40 -0.53 13.20
C LEU A 85 15.06 0.00 11.93
N PHE A 86 14.25 0.49 11.00
CA PHE A 86 14.72 0.98 9.70
C PHE A 86 15.73 2.14 9.88
N TRP A 87 15.45 3.12 10.75
CA TRP A 87 16.37 4.27 10.91
C TRP A 87 17.73 3.79 11.40
N ARG A 88 17.73 2.86 12.33
CA ARG A 88 18.99 2.31 12.82
C ARG A 88 19.74 1.52 11.75
N LEU A 89 19.04 0.75 10.93
CA LEU A 89 19.69 -0.04 9.93
C LEU A 89 20.31 0.85 8.86
N LEU A 90 19.82 2.07 8.73
CA LEU A 90 20.35 2.99 7.72
C LEU A 90 21.44 3.93 8.26
N THR A 91 21.89 3.69 9.49
CA THR A 91 22.94 4.54 10.06
C THR A 91 24.23 4.53 9.20
N PRO A 92 24.75 5.71 8.81
CA PRO A 92 25.96 5.71 7.99
C PRO A 92 27.19 5.20 8.75
N GLY A 93 28.18 4.70 8.01
CA GLY A 93 29.45 4.28 8.57
C GLY A 93 29.68 2.82 8.97
N GLY A 94 28.76 1.93 8.56
CA GLY A 94 28.87 0.54 8.94
C GLY A 94 29.26 -0.34 7.78
N ALA A 95 29.46 -1.61 8.06
CA ALA A 95 29.83 -2.57 7.04
C ALA A 95 28.76 -2.64 5.95
N LYS A 96 29.20 -2.76 4.70
CA LYS A 96 28.32 -2.82 3.58
C LYS A 96 27.97 -4.23 3.21
N GLU A 97 28.57 -5.19 3.87
CA GLU A 97 28.28 -6.59 3.61
C GLU A 97 28.19 -7.26 4.96
N PRO A 98 27.50 -8.40 5.07
CA PRO A 98 27.38 -9.05 6.37
C PRO A 98 28.76 -9.35 6.98
N VAL A 99 28.83 -9.17 8.28
CA VAL A 99 30.05 -9.42 9.06
C VAL A 99 29.70 -10.27 10.28
N GLY A 100 30.74 -10.78 10.92
CA GLY A 100 30.58 -11.54 12.14
C GLY A 100 29.74 -12.81 12.18
N GLU A 101 28.97 -12.96 13.26
CA GLU A 101 28.09 -14.14 13.45
C GLU A 101 26.95 -14.22 12.41
N LEU A 102 26.37 -13.08 12.09
CA LEU A 102 25.29 -13.03 11.12
C LEU A 102 25.85 -13.48 9.78
N LYS A 103 27.07 -13.06 9.46
CA LYS A 103 27.68 -13.50 8.22
C LYS A 103 27.82 -15.05 8.18
N LYS A 104 28.28 -15.65 9.25
CA LYS A 104 28.42 -17.10 9.29
C LYS A 104 27.10 -17.81 9.11
N ALA A 105 26.04 -17.29 9.72
CA ALA A 105 24.70 -17.90 9.59
C ALA A 105 24.19 -17.75 8.16
N ILE A 106 24.45 -16.60 7.55
CA ILE A 106 24.00 -16.40 6.18
C ILE A 106 24.77 -17.31 5.20
N ASP A 107 26.09 -17.40 5.38
CA ASP A 107 26.91 -18.27 4.52
C ASP A 107 26.44 -19.71 4.67
N GLU A 108 26.21 -20.13 5.90
CA GLU A 108 25.80 -21.47 6.16
C GLU A 108 24.41 -21.76 5.63
N GLN A 109 23.47 -20.85 5.87
CA GLN A 109 22.10 -21.11 5.49
C GLN A 109 21.66 -20.73 4.10
N PHE A 110 22.21 -19.70 3.51
CA PHE A 110 21.81 -19.24 2.18
C PHE A 110 22.88 -19.46 1.14
N GLY A 111 24.08 -19.72 1.61
CA GLY A 111 25.19 -19.90 0.71
C GLY A 111 26.01 -18.64 0.52
N GLY A 112 25.69 -17.54 1.20
CA GLY A 112 26.45 -16.34 1.03
C GLY A 112 25.58 -15.14 0.81
N PHE A 113 26.18 -13.96 0.88
CA PHE A 113 25.49 -12.69 0.73
C PHE A 113 24.72 -12.53 -0.58
N GLN A 114 25.36 -12.89 -1.70
CA GLN A 114 24.76 -12.77 -3.03
C GLN A 114 23.44 -13.54 -3.13
N ALA A 115 23.41 -14.75 -2.56
CA ALA A 115 22.18 -15.55 -2.53
C ALA A 115 21.13 -14.85 -1.65
N LEU A 116 21.52 -14.27 -0.51
CA LEU A 116 20.58 -13.56 0.34
C LEU A 116 19.98 -12.33 -0.33
N LYS A 117 20.81 -11.54 -0.98
CA LYS A 117 20.40 -10.32 -1.66
C LYS A 117 19.33 -10.67 -2.67
N GLU A 118 19.56 -11.75 -3.38
CA GLU A 118 18.65 -12.19 -4.42
C GLU A 118 17.31 -12.59 -3.80
N LYS A 119 17.33 -13.33 -2.69
CA LYS A 119 16.10 -13.76 -2.02
C LYS A 119 15.35 -12.59 -1.44
N LEU A 120 16.08 -11.69 -0.75
CA LEU A 120 15.48 -10.48 -0.15
C LEU A 120 14.94 -9.60 -1.25
N THR A 121 15.65 -9.47 -2.38
CA THR A 121 15.12 -8.69 -3.49
C THR A 121 13.82 -9.28 -4.04
N GLN A 122 13.77 -10.60 -4.20
CA GLN A 122 12.56 -11.27 -4.67
C GLN A 122 11.37 -11.08 -3.72
N ALA A 123 11.59 -11.16 -2.41
CA ALA A 123 10.53 -10.97 -1.44
C ALA A 123 10.03 -9.52 -1.48
N ALA A 124 10.92 -8.54 -1.66
CA ALA A 124 10.51 -7.15 -1.69
C ALA A 124 9.73 -6.80 -2.96
N MET A 125 10.17 -7.35 -4.08
CA MET A 125 9.53 -7.08 -5.34
C MET A 125 8.18 -7.79 -5.39
N GLY A 126 8.09 -8.97 -4.79
CA GLY A 126 6.87 -9.73 -4.77
C GLY A 126 5.79 -9.25 -3.80
N ARG A 127 6.09 -8.32 -2.88
CA ARG A 127 5.11 -7.79 -1.95
C ARG A 127 4.22 -6.80 -2.72
N PHE A 128 3.02 -7.23 -3.12
CA PHE A 128 2.05 -6.41 -3.86
C PHE A 128 1.35 -5.43 -2.92
N GLY A 129 1.30 -4.13 -3.27
CA GLY A 129 0.71 -3.15 -2.37
C GLY A 129 1.76 -2.64 -1.36
N SER A 130 1.32 -2.30 -0.15
CA SER A 130 2.22 -1.77 0.90
C SER A 130 2.75 -2.90 1.74
N GLY A 131 4.00 -2.83 2.14
CA GLY A 131 4.56 -3.86 2.99
C GLY A 131 6.05 -3.65 3.24
N TRP A 132 6.68 -4.68 3.82
CA TRP A 132 8.09 -4.68 4.22
C TRP A 132 8.66 -6.05 3.86
N ALA A 133 9.94 -6.14 3.48
CA ALA A 133 10.63 -7.41 3.21
C ALA A 133 11.61 -7.54 4.37
N TRP A 134 11.77 -8.76 4.86
CA TRP A 134 12.56 -9.06 6.06
C TRP A 134 13.50 -10.21 6.01
N LEU A 135 14.57 -10.11 6.81
CA LEU A 135 15.45 -11.22 7.07
C LEU A 135 15.15 -11.31 8.59
N VAL A 136 14.71 -12.48 9.05
CA VAL A 136 14.34 -12.71 10.48
C VAL A 136 14.99 -14.00 11.00
N LYS A 137 15.01 -14.14 12.31
CA LYS A 137 15.55 -15.34 12.96
C LYS A 137 14.40 -15.94 13.75
N ASP A 138 14.32 -17.25 13.81
CA ASP A 138 13.31 -17.84 14.69
C ASP A 138 14.03 -18.37 15.99
N PRO A 139 13.26 -18.89 16.98
CA PRO A 139 13.81 -19.40 18.25
C PRO A 139 14.65 -20.65 18.06
N PHE A 140 14.58 -21.28 16.90
CA PHE A 140 15.28 -22.54 16.63
C PHE A 140 16.61 -22.36 15.90
N GLY A 141 17.04 -21.09 15.76
CA GLY A 141 18.29 -20.74 15.10
C GLY A 141 18.28 -20.68 13.59
N LYS A 142 17.11 -20.69 12.96
CA LYS A 142 17.04 -20.62 11.50
C LYS A 142 16.71 -19.19 11.06
N LEU A 143 17.16 -18.83 9.87
CA LEU A 143 16.92 -17.52 9.28
C LEU A 143 15.86 -17.73 8.22
N HIS A 144 15.03 -16.72 8.03
CA HIS A 144 14.02 -16.78 6.99
C HIS A 144 13.95 -15.44 6.33
N VAL A 145 13.60 -15.46 5.07
CA VAL A 145 13.33 -14.22 4.31
C VAL A 145 11.81 -14.23 4.01
N LEU A 146 11.10 -13.17 4.39
CA LEU A 146 9.67 -13.15 4.11
C LEU A 146 9.24 -11.71 3.98
N SER A 147 8.00 -11.49 3.58
CA SER A 147 7.49 -10.16 3.54
C SER A 147 6.21 -10.12 4.33
N THR A 148 5.82 -8.93 4.79
CA THR A 148 4.57 -8.76 5.55
C THR A 148 3.79 -7.61 4.93
N PRO A 149 2.46 -7.63 5.04
CA PRO A 149 1.65 -6.54 4.50
C PRO A 149 1.60 -5.34 5.45
N ASN A 150 1.41 -4.17 4.83
CA ASN A 150 1.15 -2.91 5.51
C ASN A 150 2.19 -2.65 6.61
N GLN A 151 1.82 -2.45 7.88
CA GLN A 151 2.85 -2.27 8.93
C GLN A 151 3.00 -3.47 9.84
N ASP A 152 2.59 -4.65 9.41
CA ASP A 152 2.71 -5.83 10.25
C ASP A 152 4.19 -6.10 10.52
N ASN A 153 4.54 -6.47 11.74
CA ASN A 153 5.95 -6.76 12.07
C ASN A 153 6.05 -8.27 12.33
N PRO A 154 7.12 -8.93 11.90
CA PRO A 154 7.24 -10.38 12.14
C PRO A 154 7.21 -10.86 13.63
N VAL A 155 7.39 -9.97 14.61
CA VAL A 155 7.29 -10.40 16.02
C VAL A 155 5.88 -10.91 16.28
N MET A 156 4.89 -10.46 15.51
CA MET A 156 3.52 -10.93 15.69
C MET A 156 3.42 -12.44 15.57
N GLU A 157 4.28 -13.02 14.74
CA GLU A 157 4.33 -14.45 14.47
C GLU A 157 5.47 -15.16 15.19
N GLY A 158 6.12 -14.48 16.10
CA GLY A 158 7.16 -15.15 16.83
C GLY A 158 8.56 -15.01 16.30
N PHE A 159 8.79 -14.22 15.26
CA PHE A 159 10.13 -14.08 14.72
C PHE A 159 10.83 -12.89 15.32
N THR A 160 12.15 -12.87 15.24
CA THR A 160 12.92 -11.71 15.66
C THR A 160 13.46 -11.05 14.36
N PRO A 161 13.07 -9.82 14.06
CA PRO A 161 13.56 -9.13 12.85
C PRO A 161 15.04 -8.77 12.90
N ILE A 162 15.74 -8.96 11.80
CA ILE A 162 17.17 -8.63 11.74
C ILE A 162 17.30 -7.47 10.74
N VAL A 163 16.79 -7.63 9.53
CA VAL A 163 16.85 -6.55 8.52
C VAL A 163 15.44 -6.37 7.98
N GLY A 164 14.98 -5.12 7.86
CA GLY A 164 13.70 -4.85 7.27
C GLY A 164 13.89 -3.81 6.19
N ILE A 165 13.20 -3.95 5.03
CA ILE A 165 13.26 -2.97 3.94
C ILE A 165 11.84 -2.49 3.70
N ASP A 166 11.59 -1.18 3.81
CA ASP A 166 10.28 -0.57 3.67
C ASP A 166 9.93 -0.56 2.18
N VAL A 167 8.85 -1.22 1.77
CA VAL A 167 8.41 -1.12 0.38
C VAL A 167 7.07 -0.40 0.13
N TRP A 168 6.62 0.39 1.09
CA TRP A 168 5.51 1.27 0.90
C TRP A 168 5.99 2.26 -0.17
N GLU A 169 5.10 2.70 -1.05
CA GLU A 169 5.47 3.67 -2.07
C GLU A 169 6.05 4.93 -1.45
N HIS A 170 5.57 5.37 -0.27
CA HIS A 170 6.16 6.57 0.32
C HIS A 170 7.69 6.47 0.58
N ALA A 171 8.22 5.23 0.65
CA ALA A 171 9.63 5.01 0.95
C ALA A 171 10.48 5.34 -0.27
N TYR A 172 9.88 5.35 -1.47
CA TYR A 172 10.62 5.54 -2.71
C TYR A 172 9.99 6.36 -3.80
N TYR A 173 8.76 6.83 -3.64
CA TYR A 173 8.10 7.49 -4.74
C TYR A 173 8.72 8.82 -5.23
N LEU A 174 9.13 9.66 -4.30
CA LEU A 174 9.66 10.97 -4.70
C LEU A 174 10.84 10.92 -5.64
N LYS A 175 11.74 9.97 -5.43
CA LYS A 175 12.89 9.87 -6.31
C LYS A 175 12.79 8.82 -7.40
N TYR A 176 12.18 7.67 -7.08
CA TYR A 176 12.11 6.56 -8.02
C TYR A 176 10.75 6.32 -8.70
N GLN A 177 9.71 7.01 -8.28
CA GLN A 177 8.35 6.78 -8.79
C GLN A 177 7.99 5.30 -8.76
N ASN A 178 7.56 4.70 -9.87
CA ASN A 178 7.15 3.31 -9.91
C ASN A 178 8.31 2.34 -9.89
N ARG A 179 9.55 2.82 -9.98
CA ARG A 179 10.68 1.91 -10.09
C ARG A 179 11.24 1.33 -8.78
N ARG A 180 10.43 0.49 -8.14
CA ARG A 180 10.78 -0.18 -6.91
C ARG A 180 12.08 -0.93 -7.05
N ALA A 181 12.36 -1.56 -8.20
CA ALA A 181 13.60 -2.29 -8.38
C ALA A 181 14.86 -1.41 -8.25
N ASP A 182 14.79 -0.17 -8.76
CA ASP A 182 15.90 0.76 -8.67
C ASP A 182 16.13 1.18 -7.21
N TYR A 183 15.03 1.39 -6.47
CA TYR A 183 15.10 1.70 -5.06
C TYR A 183 15.81 0.55 -4.30
N LEU A 184 15.48 -0.71 -4.61
CA LEU A 184 16.07 -1.88 -3.95
C LEU A 184 17.54 -2.01 -4.26
N GLN A 185 17.93 -1.74 -5.50
CA GLN A 185 19.37 -1.74 -5.85
C GLN A 185 20.12 -0.70 -5.01
N ALA A 186 19.55 0.46 -4.81
CA ALA A 186 20.17 1.52 -4.06
C ALA A 186 20.24 1.26 -2.56
N ILE A 187 19.23 0.58 -1.97
CA ILE A 187 19.17 0.28 -0.53
C ILE A 187 20.41 -0.51 -0.09
N TRP A 188 20.93 -1.38 -0.94
CA TRP A 188 22.13 -2.15 -0.56
C TRP A 188 23.34 -1.30 -0.26
N ASN A 189 23.37 -0.08 -0.81
CA ASN A 189 24.47 0.83 -0.57
C ASN A 189 24.41 1.52 0.82
N VAL A 190 23.27 1.53 1.48
CA VAL A 190 23.16 2.23 2.72
C VAL A 190 22.88 1.34 3.95
N LEU A 191 22.63 0.05 3.75
CA LEU A 191 22.34 -0.82 4.88
C LEU A 191 23.55 -0.93 5.75
N ASN A 192 23.33 -0.95 7.04
CA ASN A 192 24.40 -1.08 8.00
C ASN A 192 24.44 -2.47 8.60
N TRP A 193 25.37 -3.29 8.17
CA TRP A 193 25.44 -4.64 8.65
C TRP A 193 26.03 -4.83 10.06
N ASP A 194 26.64 -3.77 10.62
CA ASP A 194 27.10 -3.84 12.02
C ASP A 194 25.86 -3.77 12.89
N VAL A 195 24.86 -3.00 12.47
CA VAL A 195 23.61 -2.89 13.21
C VAL A 195 22.86 -4.20 13.06
N ALA A 196 22.81 -4.77 11.86
CA ALA A 196 22.11 -6.05 11.69
C ALA A 196 22.73 -7.12 12.61
N GLU A 197 24.06 -7.06 12.76
CA GLU A 197 24.78 -8.02 13.61
C GLU A 197 24.36 -7.88 15.06
N GLU A 198 24.21 -6.66 15.56
CA GLU A 198 23.75 -6.40 16.92
C GLU A 198 22.38 -7.02 17.10
N PHE A 199 21.47 -6.77 16.16
CA PHE A 199 20.14 -7.35 16.23
C PHE A 199 20.23 -8.85 16.26
N PHE A 200 21.07 -9.43 15.40
CA PHE A 200 21.23 -10.86 15.38
C PHE A 200 21.72 -11.48 16.72
N LYS A 201 22.74 -10.88 17.32
CA LYS A 201 23.31 -11.35 18.60
C LYS A 201 22.32 -11.21 19.75
N LYS A 202 21.70 -10.04 19.86
CA LYS A 202 20.76 -9.70 20.93
C LYS A 202 19.56 -10.64 20.99
N ALA A 203 19.34 -11.41 19.93
CA ALA A 203 18.24 -12.35 19.91
C ALA A 203 18.18 -13.16 18.65
N PRO B 1 -11.90 -8.89 -23.84
CA PRO B 1 -11.09 -10.07 -23.56
C PRO B 1 -9.67 -9.94 -24.08
N TYR B 2 -8.94 -11.03 -23.90
CA TYR B 2 -7.55 -11.15 -24.26
C TYR B 2 -7.24 -10.92 -25.72
N PRO B 3 -6.19 -10.14 -26.03
CA PRO B 3 -5.23 -9.42 -25.18
C PRO B 3 -5.88 -8.15 -24.78
N PHE B 4 -5.83 -7.85 -23.49
CA PHE B 4 -6.47 -6.66 -23.00
C PHE B 4 -5.68 -5.45 -23.45
N LYS B 5 -6.36 -4.32 -23.48
CA LYS B 5 -5.76 -3.05 -23.88
C LYS B 5 -5.75 -1.98 -22.83
N LEU B 6 -4.67 -1.22 -22.81
CA LEU B 6 -4.64 -0.04 -22.00
C LEU B 6 -5.57 1.00 -22.70
N PRO B 7 -6.63 1.48 -22.03
CA PRO B 7 -7.47 2.46 -22.68
C PRO B 7 -6.80 3.82 -22.69
N ASP B 8 -7.07 4.64 -23.71
CA ASP B 8 -6.55 6.03 -23.68
C ASP B 8 -7.21 6.76 -22.53
N LEU B 9 -6.53 7.73 -21.93
CA LEU B 9 -7.14 8.55 -20.89
C LEU B 9 -8.34 9.26 -21.48
N GLY B 10 -8.21 9.75 -22.72
CA GLY B 10 -9.28 10.48 -23.39
C GLY B 10 -9.21 11.99 -23.18
N TYR B 11 -8.19 12.44 -22.43
CA TYR B 11 -7.95 13.84 -22.16
C TYR B 11 -6.46 14.04 -21.87
N PRO B 12 -5.99 15.28 -22.01
CA PRO B 12 -4.57 15.57 -21.76
C PRO B 12 -4.21 15.31 -20.30
N TYR B 13 -2.95 14.98 -20.07
CA TYR B 13 -2.46 14.67 -18.71
C TYR B 13 -2.59 15.85 -17.78
N GLU B 14 -2.60 17.06 -18.34
CA GLU B 14 -2.69 18.31 -17.57
C GLU B 14 -4.09 18.81 -17.31
N ALA B 15 -5.10 18.08 -17.79
CA ALA B 15 -6.47 18.50 -17.65
C ALA B 15 -7.06 18.64 -16.26
N LEU B 16 -6.46 18.02 -15.24
CA LEU B 16 -7.01 18.08 -13.87
C LEU B 16 -6.25 18.98 -12.95
N GLU B 17 -5.28 19.70 -13.52
CA GLU B 17 -4.46 20.66 -12.77
C GLU B 17 -5.41 21.78 -12.27
N PRO B 18 -5.17 22.32 -11.05
CA PRO B 18 -4.10 21.99 -10.11
C PRO B 18 -4.52 20.90 -9.11
N HIS B 19 -5.62 20.20 -9.39
CA HIS B 19 -6.10 19.18 -8.47
C HIS B 19 -5.23 17.95 -8.43
N ILE B 20 -4.92 17.42 -9.60
CA ILE B 20 -4.00 16.31 -9.68
C ILE B 20 -2.98 16.78 -10.71
N ASP B 21 -1.70 16.67 -10.37
CA ASP B 21 -0.62 17.10 -11.23
C ASP B 21 -0.49 16.23 -12.49
N ALA B 22 0.00 16.85 -13.58
CA ALA B 22 0.17 16.17 -14.85
C ALA B 22 1.18 15.07 -14.80
N LYS B 23 2.23 15.24 -14.01
CA LYS B 23 3.25 14.18 -13.98
C LYS B 23 2.67 12.87 -13.37
N THR B 24 1.87 13.01 -12.35
CA THR B 24 1.21 11.86 -11.76
C THR B 24 0.25 11.26 -12.78
N MET B 25 -0.57 12.06 -13.45
CA MET B 25 -1.50 11.48 -14.41
C MET B 25 -0.78 10.63 -15.44
N GLU B 26 0.35 11.15 -15.94
CA GLU B 26 1.11 10.44 -16.93
C GLU B 26 1.71 9.14 -16.42
N ILE B 27 2.41 9.21 -15.27
CA ILE B 27 3.03 8.03 -14.70
C ILE B 27 1.94 7.00 -14.26
N HIS B 28 0.86 7.50 -13.67
CA HIS B 28 -0.26 6.66 -13.17
C HIS B 28 -0.89 5.85 -14.34
N HIS B 29 -1.10 6.48 -15.49
CA HIS B 29 -1.63 5.83 -16.70
C HIS B 29 -0.61 4.98 -17.46
N GLN B 30 0.52 5.57 -17.89
CA GLN B 30 1.50 4.85 -18.66
C GLN B 30 2.32 3.81 -17.99
N LYS B 31 2.71 4.05 -16.75
CA LYS B 31 3.54 3.13 -16.00
C LYS B 31 2.74 2.18 -15.09
N HIS B 32 1.85 2.68 -14.25
CA HIS B 32 1.12 1.76 -13.36
C HIS B 32 0.06 0.99 -14.10
N HIS B 33 -0.89 1.64 -14.72
CA HIS B 33 -1.95 0.94 -15.46
C HIS B 33 -1.34 0.12 -16.61
N GLY B 34 -0.37 0.69 -17.34
CA GLY B 34 0.30 -0.02 -18.39
C GLY B 34 0.91 -1.34 -17.93
N ALA B 35 1.58 -1.36 -16.77
CA ALA B 35 2.15 -2.59 -16.21
C ALA B 35 1.04 -3.60 -15.85
N TYR B 36 -0.07 -3.16 -15.25
CA TYR B 36 -1.14 -4.10 -14.91
C TYR B 36 -1.69 -4.80 -16.16
N VAL B 37 -1.92 -4.07 -17.24
CA VAL B 37 -2.39 -4.65 -18.49
C VAL B 37 -1.37 -5.64 -19.03
N THR B 38 -0.09 -5.24 -19.09
CA THR B 38 0.94 -6.09 -19.58
C THR B 38 1.05 -7.42 -18.81
N ASN B 39 1.05 -7.33 -17.49
CA ASN B 39 1.13 -8.48 -16.61
C ASN B 39 -0.13 -9.37 -16.67
N LEU B 40 -1.30 -8.77 -16.78
CA LEU B 40 -2.53 -9.54 -16.94
C LEU B 40 -2.41 -10.41 -18.22
N ASN B 41 -1.97 -9.79 -19.34
CA ASN B 41 -1.83 -10.49 -20.62
C ASN B 41 -0.81 -11.58 -20.49
N ALA B 42 0.30 -11.34 -19.80
CA ALA B 42 1.32 -12.38 -19.62
C ALA B 42 0.78 -13.58 -18.86
N ALA B 43 -0.10 -13.34 -17.90
CA ALA B 43 -0.67 -14.42 -17.12
C ALA B 43 -1.62 -15.26 -17.98
N LEU B 44 -2.41 -14.59 -18.79
CA LEU B 44 -3.40 -15.26 -19.60
C LEU B 44 -2.91 -15.92 -20.87
N GLU B 45 -1.76 -15.51 -21.36
CA GLU B 45 -1.21 -16.07 -22.59
C GLU B 45 -1.15 -17.63 -22.60
N LYS B 46 -0.87 -18.22 -21.44
CA LYS B 46 -0.71 -19.67 -21.32
C LYS B 46 -1.98 -20.52 -21.29
N TYR B 47 -3.13 -19.87 -21.15
CA TYR B 47 -4.40 -20.59 -21.07
C TYR B 47 -5.43 -20.11 -22.06
N PRO B 48 -5.31 -20.57 -23.34
CA PRO B 48 -6.18 -20.25 -24.45
C PRO B 48 -7.62 -20.37 -24.10
N TYR B 49 -7.96 -21.31 -23.22
CA TYR B 49 -9.38 -21.50 -22.86
C TYR B 49 -10.02 -20.31 -22.11
N LEU B 50 -9.21 -19.39 -21.57
CA LEU B 50 -9.70 -18.21 -20.85
C LEU B 50 -9.66 -16.94 -21.71
N HIS B 51 -9.24 -17.06 -22.99
CA HIS B 51 -9.13 -15.89 -23.89
C HIS B 51 -10.36 -15.15 -24.36
N GLY B 52 -11.53 -15.76 -24.18
CA GLY B 52 -12.74 -15.08 -24.59
C GLY B 52 -13.53 -14.52 -23.44
N VAL B 53 -12.90 -14.40 -22.27
CA VAL B 53 -13.59 -13.96 -21.07
C VAL B 53 -13.25 -12.54 -20.70
N GLU B 54 -14.26 -11.73 -20.40
CA GLU B 54 -14.05 -10.38 -19.93
C GLU B 54 -13.41 -10.41 -18.53
N VAL B 55 -12.65 -9.36 -18.21
CA VAL B 55 -11.96 -9.33 -16.94
C VAL B 55 -12.93 -9.42 -15.76
N GLU B 56 -14.09 -8.81 -15.85
CA GLU B 56 -15.03 -8.91 -14.77
C GLU B 56 -15.37 -10.34 -14.49
N VAL B 57 -15.53 -11.16 -15.52
CA VAL B 57 -15.87 -12.55 -15.33
C VAL B 57 -14.71 -13.32 -14.67
N LEU B 58 -13.48 -13.03 -15.08
CA LEU B 58 -12.34 -13.68 -14.51
C LEU B 58 -12.27 -13.37 -13.02
N LEU B 59 -12.53 -12.13 -12.64
CA LEU B 59 -12.49 -11.69 -11.25
C LEU B 59 -13.58 -12.30 -10.37
N ARG B 60 -14.77 -12.52 -10.92
CA ARG B 60 -15.88 -13.15 -10.15
C ARG B 60 -15.64 -14.65 -9.97
N HIS B 61 -14.77 -15.26 -10.76
CA HIS B 61 -14.49 -16.69 -10.66
C HIS B 61 -13.04 -16.98 -10.43
N LEU B 62 -12.36 -16.14 -9.64
CA LEU B 62 -10.94 -16.35 -9.35
C LEU B 62 -10.64 -17.73 -8.89
N ALA B 63 -11.49 -18.29 -7.99
CA ALA B 63 -11.25 -19.64 -7.44
C ALA B 63 -11.17 -20.79 -8.51
N ALA B 64 -11.75 -20.57 -9.68
CA ALA B 64 -11.77 -21.53 -10.76
C ALA B 64 -10.52 -21.49 -11.61
N LEU B 65 -9.78 -20.38 -11.57
CA LEU B 65 -8.59 -20.19 -12.41
C LEU B 65 -7.43 -21.05 -11.98
N PRO B 66 -6.60 -21.47 -12.94
CA PRO B 66 -5.43 -22.28 -12.61
C PRO B 66 -4.72 -21.58 -11.49
N GLN B 67 -4.21 -22.38 -10.56
CA GLN B 67 -3.55 -21.88 -9.36
C GLN B 67 -2.36 -20.97 -9.62
N ASP B 68 -1.60 -21.21 -10.68
CA ASP B 68 -0.44 -20.38 -10.97
C ASP B 68 -0.75 -18.96 -11.45
N ILE B 69 -1.99 -18.65 -11.81
CA ILE B 69 -2.32 -17.31 -12.27
C ILE B 69 -3.35 -16.59 -11.42
N GLN B 70 -3.92 -17.25 -10.40
CA GLN B 70 -4.94 -16.61 -9.57
C GLN B 70 -4.52 -15.25 -8.99
N THR B 71 -3.36 -15.20 -8.38
CA THR B 71 -2.91 -13.92 -7.81
C THR B 71 -2.59 -12.86 -8.89
N ALA B 72 -1.93 -13.29 -9.96
CA ALA B 72 -1.61 -12.40 -11.05
C ALA B 72 -2.89 -11.83 -11.61
N VAL B 73 -3.95 -12.64 -11.81
CA VAL B 73 -5.20 -12.10 -12.33
C VAL B 73 -5.90 -11.19 -11.34
N ARG B 74 -5.91 -11.60 -10.07
CA ARG B 74 -6.53 -10.80 -9.04
C ARG B 74 -5.91 -9.40 -8.99
N ASN B 75 -4.59 -9.37 -8.88
CA ASN B 75 -3.84 -8.14 -8.75
C ASN B 75 -3.78 -7.31 -10.03
N ASN B 76 -3.45 -7.90 -11.17
CA ASN B 76 -3.32 -7.11 -12.38
C ASN B 76 -4.66 -6.93 -13.06
N GLY B 77 -5.53 -7.93 -12.98
CA GLY B 77 -6.88 -7.84 -13.53
C GLY B 77 -7.63 -6.79 -12.71
N GLY B 78 -7.58 -6.87 -11.38
CA GLY B 78 -8.17 -5.82 -10.56
C GLY B 78 -7.52 -4.45 -10.88
N GLY B 79 -6.21 -4.39 -11.06
CA GLY B 79 -5.52 -3.13 -11.39
C GLY B 79 -6.05 -2.52 -12.66
N HIS B 80 -6.18 -3.35 -13.68
CA HIS B 80 -6.74 -2.96 -14.99
C HIS B 80 -8.17 -2.43 -14.83
N LEU B 81 -9.08 -3.19 -14.23
CA LEU B 81 -10.44 -2.75 -14.07
C LEU B 81 -10.59 -1.48 -13.21
N ASN B 82 -9.86 -1.36 -12.09
CA ASN B 82 -10.00 -0.21 -11.21
C ASN B 82 -9.55 1.05 -11.91
N HIS B 83 -8.42 1.00 -12.58
CA HIS B 83 -7.88 2.21 -13.25
C HIS B 83 -8.71 2.64 -14.47
N SER B 84 -9.25 1.66 -15.21
CA SER B 84 -10.13 1.97 -16.36
C SER B 84 -11.37 2.73 -15.92
N LEU B 85 -11.95 2.37 -14.77
CA LEU B 85 -13.11 3.08 -14.23
C LEU B 85 -12.66 4.46 -13.78
N PHE B 86 -11.51 4.52 -13.12
CA PHE B 86 -11.02 5.77 -12.57
C PHE B 86 -10.81 6.87 -13.64
N TRP B 87 -10.23 6.53 -14.77
CA TRP B 87 -9.95 7.49 -15.82
C TRP B 87 -11.26 8.00 -16.36
N ARG B 88 -12.25 7.14 -16.48
CA ARG B 88 -13.54 7.60 -16.93
C ARG B 88 -14.20 8.54 -15.92
N LEU B 89 -14.06 8.27 -14.63
CA LEU B 89 -14.66 9.10 -13.61
C LEU B 89 -14.01 10.47 -13.49
N LEU B 90 -12.80 10.62 -14.02
CA LEU B 90 -12.10 11.89 -13.94
C LEU B 90 -12.19 12.72 -15.21
N THR B 91 -12.97 12.23 -16.16
CA THR B 91 -13.20 12.94 -17.40
C THR B 91 -13.68 14.39 -17.13
N PRO B 92 -12.97 15.40 -17.70
CA PRO B 92 -13.34 16.81 -17.48
C PRO B 92 -14.69 17.21 -18.10
N GLY B 93 -15.34 18.19 -17.48
CA GLY B 93 -16.57 18.70 -18.06
C GLY B 93 -17.90 18.16 -17.58
N GLY B 94 -17.92 17.28 -16.58
CA GLY B 94 -19.20 16.76 -16.11
C GLY B 94 -19.74 17.46 -14.91
N ALA B 95 -20.94 17.05 -14.53
CA ALA B 95 -21.63 17.55 -13.34
C ALA B 95 -20.69 17.34 -12.11
N LYS B 96 -20.69 18.33 -11.21
CA LYS B 96 -19.83 18.34 -10.04
C LYS B 96 -20.51 17.83 -8.77
N GLU B 97 -21.77 17.46 -8.90
CA GLU B 97 -22.57 16.92 -7.82
C GLU B 97 -23.42 15.85 -8.46
N PRO B 98 -23.89 14.89 -7.68
CA PRO B 98 -24.71 13.84 -8.28
C PRO B 98 -25.90 14.42 -9.01
N VAL B 99 -26.28 13.73 -10.08
CA VAL B 99 -27.43 14.12 -10.89
C VAL B 99 -28.29 12.90 -11.19
N GLY B 100 -29.45 13.11 -11.81
CA GLY B 100 -30.28 11.99 -12.25
C GLY B 100 -30.72 10.92 -11.29
N GLU B 101 -30.80 9.68 -11.74
CA GLU B 101 -31.24 8.56 -10.90
C GLU B 101 -30.31 8.28 -9.67
N LEU B 102 -28.98 8.41 -9.88
CA LEU B 102 -28.01 8.21 -8.83
C LEU B 102 -28.24 9.24 -7.79
N LYS B 103 -28.59 10.46 -8.20
CA LYS B 103 -28.88 11.48 -7.21
C LYS B 103 -30.04 11.06 -6.31
N LYS B 104 -31.11 10.56 -6.94
CA LYS B 104 -32.30 10.10 -6.23
C LYS B 104 -31.95 9.02 -5.25
N ALA B 105 -31.13 8.07 -5.71
CA ALA B 105 -30.70 6.95 -4.85
C ALA B 105 -29.85 7.47 -3.68
N ILE B 106 -28.98 8.43 -3.96
CA ILE B 106 -28.13 8.95 -2.89
C ILE B 106 -28.97 9.70 -1.83
N ASP B 107 -29.92 10.53 -2.30
CA ASP B 107 -30.76 11.32 -1.39
C ASP B 107 -31.63 10.42 -0.52
N GLU B 108 -32.17 9.33 -1.07
CA GLU B 108 -33.01 8.38 -0.30
C GLU B 108 -32.26 7.50 0.69
N GLN B 109 -31.08 7.00 0.28
CA GLN B 109 -30.31 6.05 1.10
C GLN B 109 -29.31 6.64 2.03
N PHE B 110 -28.70 7.75 1.63
CA PHE B 110 -27.67 8.40 2.45
C PHE B 110 -28.14 9.72 3.06
N GLY B 111 -29.16 10.34 2.45
CA GLY B 111 -29.70 11.61 2.94
C GLY B 111 -29.22 12.84 2.18
N GLY B 112 -28.32 12.68 1.23
CA GLY B 112 -27.84 13.82 0.49
C GLY B 112 -26.40 13.63 0.10
N PHE B 113 -25.92 14.46 -0.81
CA PHE B 113 -24.55 14.37 -1.25
C PHE B 113 -23.60 14.63 -0.08
N GLN B 114 -23.95 15.53 0.82
CA GLN B 114 -23.02 15.86 1.92
C GLN B 114 -22.75 14.68 2.80
N ALA B 115 -23.80 13.90 3.07
CA ALA B 115 -23.66 12.70 3.89
C ALA B 115 -22.83 11.66 3.17
N LEU B 116 -23.01 11.47 1.85
CA LEU B 116 -22.23 10.50 1.07
C LEU B 116 -20.70 10.90 1.03
N LYS B 117 -20.41 12.18 0.84
CA LYS B 117 -19.05 12.68 0.77
C LYS B 117 -18.33 12.36 2.11
N GLU B 118 -19.04 12.52 3.19
CA GLU B 118 -18.44 12.25 4.48
C GLU B 118 -18.19 10.74 4.62
N LYS B 119 -19.12 9.88 4.21
CA LYS B 119 -18.90 8.45 4.33
C LYS B 119 -17.81 8.01 3.44
N LEU B 120 -17.80 8.48 2.20
CA LEU B 120 -16.72 8.07 1.28
C LEU B 120 -15.35 8.56 1.76
N THR B 121 -15.30 9.77 2.34
CA THR B 121 -14.04 10.32 2.82
C THR B 121 -13.55 9.45 3.97
N GLN B 122 -14.45 9.09 4.88
CA GLN B 122 -14.05 8.22 5.98
C GLN B 122 -13.53 6.86 5.51
N ALA B 123 -14.17 6.31 4.50
CA ALA B 123 -13.79 5.04 3.93
C ALA B 123 -12.41 5.15 3.25
N ALA B 124 -12.14 6.25 2.57
CA ALA B 124 -10.85 6.40 1.90
C ALA B 124 -9.76 6.63 2.94
N MET B 125 -10.06 7.44 3.96
CA MET B 125 -9.11 7.73 5.04
C MET B 125 -8.77 6.49 5.90
N GLY B 126 -9.78 5.64 6.06
CA GLY B 126 -9.65 4.48 6.89
C GLY B 126 -9.01 3.31 6.26
N ARG B 127 -8.76 3.35 4.95
CA ARG B 127 -8.10 2.22 4.27
C ARG B 127 -6.59 2.29 4.54
N PHE B 128 -6.10 1.51 5.49
CA PHE B 128 -4.68 1.50 5.84
C PHE B 128 -3.83 0.74 4.77
N GLY B 129 -2.76 1.35 4.29
CA GLY B 129 -1.97 0.72 3.27
C GLY B 129 -2.52 1.10 1.89
N SER B 130 -2.41 0.22 0.91
CA SER B 130 -2.90 0.49 -0.44
C SER B 130 -4.33 -0.01 -0.57
N GLY B 131 -5.10 0.70 -1.36
CA GLY B 131 -6.47 0.31 -1.60
C GLY B 131 -7.28 1.34 -2.35
N TRP B 132 -8.59 1.11 -2.40
CA TRP B 132 -9.54 1.94 -3.11
C TRP B 132 -10.78 2.15 -2.25
N ALA B 133 -11.41 3.34 -2.27
CA ALA B 133 -12.67 3.57 -1.57
C ALA B 133 -13.74 3.55 -2.69
N TRP B 134 -14.92 2.99 -2.42
CA TRP B 134 -15.93 2.84 -3.45
C TRP B 134 -17.35 3.16 -3.04
N LEU B 135 -18.14 3.62 -4.00
CA LEU B 135 -19.60 3.68 -3.83
C LEU B 135 -19.99 2.52 -4.76
N VAL B 136 -20.73 1.53 -4.26
CA VAL B 136 -21.13 0.38 -5.09
C VAL B 136 -22.64 0.14 -5.02
N LYS B 137 -23.16 -0.63 -5.96
CA LYS B 137 -24.58 -0.99 -6.00
C LYS B 137 -24.65 -2.55 -5.89
N ASP B 138 -25.60 -3.11 -5.13
CA ASP B 138 -25.78 -4.59 -5.07
C ASP B 138 -27.01 -5.01 -5.93
N PRO B 139 -27.25 -6.33 -6.15
CA PRO B 139 -28.41 -6.71 -6.99
C PRO B 139 -29.79 -6.36 -6.40
N PHE B 140 -29.85 -5.96 -5.16
CA PHE B 140 -31.11 -5.72 -4.52
C PHE B 140 -31.43 -4.25 -4.45
N GLY B 141 -30.67 -3.45 -5.20
CA GLY B 141 -30.90 -2.02 -5.21
C GLY B 141 -30.35 -1.16 -4.08
N LYS B 142 -29.49 -1.69 -3.23
CA LYS B 142 -28.88 -0.91 -2.13
C LYS B 142 -27.51 -0.38 -2.55
N LEU B 143 -27.19 0.82 -2.11
CA LEU B 143 -25.89 1.46 -2.33
C LEU B 143 -25.09 1.20 -1.05
N HIS B 144 -23.79 0.99 -1.21
CA HIS B 144 -22.91 0.76 -0.08
C HIS B 144 -21.66 1.54 -0.32
N VAL B 145 -21.06 1.95 0.78
CA VAL B 145 -19.77 2.60 0.76
C VAL B 145 -18.83 1.57 1.46
N LEU B 146 -17.75 1.19 0.78
CA LEU B 146 -16.75 0.28 1.35
C LEU B 146 -15.34 0.55 0.76
N SER B 147 -14.32 -0.05 1.34
CA SER B 147 -12.99 0.07 0.77
C SER B 147 -12.49 -1.32 0.53
N THR B 148 -11.51 -1.45 -0.36
CA THR B 148 -10.92 -2.74 -0.68
C THR B 148 -9.42 -2.58 -0.60
N PRO B 149 -8.72 -3.67 -0.31
CA PRO B 149 -7.26 -3.57 -0.23
C PRO B 149 -6.59 -3.74 -1.60
N ASN B 150 -5.42 -3.14 -1.76
CA ASN B 150 -4.61 -3.32 -2.96
C ASN B 150 -5.39 -3.09 -4.24
N GLN B 151 -5.41 -4.03 -5.18
CA GLN B 151 -6.19 -3.83 -6.41
C GLN B 151 -7.45 -4.66 -6.41
N ASP B 152 -7.95 -5.02 -5.24
CA ASP B 152 -9.20 -5.77 -5.26
C ASP B 152 -10.35 -4.90 -5.77
N ASN B 153 -11.19 -5.49 -6.60
CA ASN B 153 -12.33 -4.76 -7.11
C ASN B 153 -13.62 -5.39 -6.50
N PRO B 154 -14.60 -4.55 -6.09
CA PRO B 154 -15.87 -5.03 -5.51
C PRO B 154 -16.64 -6.08 -6.38
N VAL B 155 -16.38 -6.18 -7.68
CA VAL B 155 -17.03 -7.22 -8.49
C VAL B 155 -16.73 -8.64 -7.97
N MET B 156 -15.59 -8.83 -7.29
CA MET B 156 -15.25 -10.13 -6.71
C MET B 156 -16.27 -10.62 -5.68
N GLU B 157 -16.97 -9.69 -5.03
CA GLU B 157 -17.95 -9.99 -4.01
C GLU B 157 -19.38 -9.81 -4.50
N GLY B 158 -19.54 -9.60 -5.80
CA GLY B 158 -20.85 -9.43 -6.36
C GLY B 158 -21.44 -8.04 -6.45
N PHE B 159 -20.64 -7.00 -6.16
CA PHE B 159 -21.09 -5.61 -6.25
C PHE B 159 -20.77 -5.00 -7.63
N THR B 160 -21.46 -3.91 -7.98
CA THR B 160 -21.19 -3.19 -9.23
C THR B 160 -20.63 -1.84 -8.81
N PRO B 161 -19.38 -1.54 -9.16
CA PRO B 161 -18.81 -0.25 -8.75
C PRO B 161 -19.40 0.91 -9.49
N ILE B 162 -19.66 2.00 -8.77
CA ILE B 162 -20.20 3.23 -9.36
C ILE B 162 -19.13 4.33 -9.30
N VAL B 163 -18.58 4.57 -8.12
CA VAL B 163 -17.49 5.52 -7.95
C VAL B 163 -16.37 4.77 -7.25
N GLY B 164 -15.13 4.94 -7.74
CA GLY B 164 -13.97 4.34 -7.10
C GLY B 164 -12.94 5.44 -6.92
N ILE B 165 -12.33 5.53 -5.74
CA ILE B 165 -11.29 6.50 -5.47
C ILE B 165 -9.97 5.78 -5.10
N ASP B 166 -8.90 5.98 -5.88
CA ASP B 166 -7.59 5.33 -5.73
C ASP B 166 -6.88 5.96 -4.54
N VAL B 167 -6.59 5.19 -3.50
CA VAL B 167 -5.84 5.73 -2.39
C VAL B 167 -4.47 5.08 -2.21
N TRP B 168 -3.95 4.43 -3.25
CA TRP B 168 -2.57 3.97 -3.20
C TRP B 168 -1.74 5.26 -3.14
N GLU B 169 -0.58 5.20 -2.49
CA GLU B 169 0.27 6.37 -2.41
C GLU B 169 0.71 6.93 -3.74
N HIS B 170 0.88 6.10 -4.75
CA HIS B 170 1.27 6.64 -6.06
C HIS B 170 0.23 7.59 -6.66
N ALA B 171 -1.00 7.54 -6.17
CA ALA B 171 -2.05 8.39 -6.71
C ALA B 171 -1.93 9.82 -6.29
N TYR B 172 -1.25 10.04 -5.16
CA TYR B 172 -1.15 11.37 -4.61
C TYR B 172 0.19 11.83 -4.03
N TYR B 173 1.19 10.95 -3.98
CA TYR B 173 2.42 11.28 -3.30
C TYR B 173 3.24 12.43 -3.91
N LEU B 174 3.30 12.51 -5.22
CA LEU B 174 4.11 13.56 -5.87
C LEU B 174 3.68 14.94 -5.48
N LYS B 175 2.37 15.19 -5.45
CA LYS B 175 1.86 16.51 -5.09
C LYS B 175 1.50 16.70 -3.62
N TYR B 176 0.90 15.68 -2.98
CA TYR B 176 0.43 15.81 -1.64
C TYR B 176 1.27 15.10 -0.57
N GLN B 177 2.23 14.27 -0.95
CA GLN B 177 3.04 13.47 -0.01
C GLN B 177 2.14 12.70 0.97
N ASN B 178 2.36 12.84 2.27
CA ASN B 178 1.57 12.11 3.27
C ASN B 178 0.13 12.62 3.44
N ARG B 179 -0.22 13.74 2.82
CA ARG B 179 -1.52 14.35 3.02
C ARG B 179 -2.66 13.81 2.21
N ARG B 180 -3.04 12.58 2.54
CA ARG B 180 -4.11 11.93 1.83
C ARG B 180 -5.40 12.75 1.92
N ALA B 181 -5.64 13.38 3.08
CA ALA B 181 -6.84 14.19 3.30
C ALA B 181 -6.95 15.34 2.31
N ASP B 182 -5.83 15.98 1.98
CA ASP B 182 -5.82 17.10 1.04
C ASP B 182 -6.11 16.56 -0.33
N TYR B 183 -5.58 15.39 -0.63
CA TYR B 183 -5.86 14.74 -1.90
C TYR B 183 -7.38 14.41 -2.02
N LEU B 184 -8.01 13.90 -0.96
CA LEU B 184 -9.44 13.58 -1.09
C LEU B 184 -10.27 14.82 -1.27
N GLN B 185 -9.87 15.87 -0.62
CA GLN B 185 -10.56 17.17 -0.75
C GLN B 185 -10.52 17.64 -2.25
N ALA B 186 -9.40 17.46 -2.92
CA ALA B 186 -9.22 17.82 -4.29
C ALA B 186 -10.04 16.93 -5.23
N ILE B 187 -10.13 15.62 -4.97
CA ILE B 187 -10.87 14.71 -5.84
C ILE B 187 -12.32 15.10 -6.09
N TRP B 188 -12.95 15.74 -5.11
CA TRP B 188 -14.34 16.16 -5.27
C TRP B 188 -14.49 17.21 -6.39
N ASN B 189 -13.43 17.96 -6.66
CA ASN B 189 -13.51 18.94 -7.72
C ASN B 189 -13.41 18.36 -9.08
N VAL B 190 -12.91 17.12 -9.19
CA VAL B 190 -12.72 16.55 -10.50
C VAL B 190 -13.58 15.36 -10.85
N LEU B 191 -14.36 14.82 -9.89
CA LEU B 191 -15.21 13.65 -10.20
C LEU B 191 -16.33 14.07 -11.16
N ASN B 192 -16.55 13.26 -12.17
CA ASN B 192 -17.58 13.47 -13.16
C ASN B 192 -18.84 12.66 -12.83
N TRP B 193 -19.85 13.33 -12.26
CA TRP B 193 -21.10 12.69 -11.87
C TRP B 193 -22.00 12.30 -13.02
N ASP B 194 -21.75 12.79 -14.20
CA ASP B 194 -22.54 12.30 -15.34
C ASP B 194 -22.03 10.92 -15.66
N VAL B 195 -20.72 10.67 -15.53
CA VAL B 195 -20.19 9.33 -15.78
C VAL B 195 -20.67 8.37 -14.69
N ALA B 196 -20.64 8.81 -13.45
CA ALA B 196 -21.12 7.99 -12.36
C ALA B 196 -22.59 7.64 -12.67
N GLU B 197 -23.38 8.59 -13.18
CA GLU B 197 -24.81 8.31 -13.50
C GLU B 197 -24.92 7.19 -14.53
N GLU B 198 -24.05 7.22 -15.52
CA GLU B 198 -24.01 6.22 -16.58
C GLU B 198 -23.76 4.85 -15.97
N PHE B 199 -22.76 4.77 -15.08
CA PHE B 199 -22.41 3.51 -14.40
C PHE B 199 -23.59 2.97 -13.54
N PHE B 200 -24.26 3.86 -12.83
CA PHE B 200 -25.36 3.51 -12.00
C PHE B 200 -26.56 2.99 -12.80
N LYS B 201 -26.79 3.53 -14.00
CA LYS B 201 -27.92 3.17 -14.83
C LYS B 201 -27.78 1.89 -15.60
N LYS B 202 -26.56 1.50 -15.86
CA LYS B 202 -26.26 0.29 -16.56
C LYS B 202 -26.10 -0.83 -15.50
N ALA B 203 -26.16 -0.42 -14.23
CA ALA B 203 -25.96 -1.30 -13.07
C ALA B 203 -26.85 -2.53 -12.97
#